data_2Q8G
#
_entry.id   2Q8G
#
_cell.length_a   96.979
_cell.length_b   96.979
_cell.length_c   111.352
_cell.angle_alpha   90.00
_cell.angle_beta   90.00
_cell.angle_gamma   90.00
#
_symmetry.space_group_name_H-M   'P 41 21 2'
#
loop_
_entity.id
_entity.type
_entity.pdbx_description
1 polymer '[Pyruvate dehydrogenase [lipoamide]] kinase isozyme 1'
2 non-polymer 'POTASSIUM ION'
3 non-polymer 4-[(3-CHLORO-4-{[(2R)-3,3,3-TRIFLUORO-2-HYDROXY-2-METHYLPROPANOYL]AMINO}PHENYL)SULFONYL]-N,N-DIMETHYLBENZAMIDE
4 water water
#
_entity_poly.entity_id   1
_entity_poly.type   'polypeptide(L)'
_entity_poly.pdbx_seq_one_letter_code
;SDSGSSPASERGVPGQVDFYARFSPSPLSMKQFLDFGSVNACEKTSFMFLRQELPVRLANIMKEISLLPDNLLRTPSVQL
VQSWYIQSLQELLDFKDKSAEDAKAIYDFTDTVIRIRNRHNDVIPTMAQGVIEYKESFGVDPVTSQNVQYFLDRFYMSRI
SIRMLLNQHSLLFGGKGKGSPSHRKHIGSINPNCNVLEVIKDGYENARRLCDLYYINSPELELEELNAKSPGQPIQVVYV
PSHLYHMVFELFKNAMRATMEHHANRGVYPPIQVHVTLGNEDLTVKMSDRGGGVPLRKIDRLFNYMYSTAPRPRVETSRA
VPLAGFGYGLPISRLYAQYFQGDLKLYSLEGYGTDAVIYIKALSTDSIERLPVYNKAAWKHYNTNHEADDWCVPSREPKD
MTTFRSA
;
_entity_poly.pdbx_strand_id   A
#
# COMPACT_ATOMS: atom_id res chain seq x y z
N GLY A 12 -13.37 27.11 10.26
CA GLY A 12 -12.50 27.26 9.05
C GLY A 12 -11.52 26.10 8.97
N VAL A 13 -11.19 25.68 7.75
CA VAL A 13 -10.35 24.47 7.50
C VAL A 13 -9.04 24.35 8.30
N PRO A 14 -8.18 25.39 8.31
CA PRO A 14 -6.95 25.27 9.11
C PRO A 14 -7.25 25.11 10.60
N GLY A 15 -8.28 25.77 11.11
CA GLY A 15 -8.76 25.51 12.47
C GLY A 15 -9.09 24.02 12.70
N GLN A 16 -9.87 23.43 11.80
CA GLN A 16 -10.31 22.05 11.93
C GLN A 16 -9.17 21.08 11.76
N VAL A 17 -8.26 21.37 10.81
CA VAL A 17 -7.10 20.53 10.57
C VAL A 17 -6.21 20.57 11.80
N ASP A 18 -5.99 21.76 12.36
CA ASP A 18 -5.16 21.87 13.56
C ASP A 18 -5.76 21.12 14.78
N PHE A 19 -7.08 21.16 14.96
CA PHE A 19 -7.69 20.49 16.09
C PHE A 19 -7.45 18.97 15.96
N TYR A 20 -7.79 18.40 14.82
CA TYR A 20 -7.77 16.93 14.67
C TYR A 20 -6.40 16.36 14.51
N ALA A 21 -5.46 17.21 14.08
CA ALA A 21 -4.10 16.75 13.83
C ALA A 21 -3.32 16.69 15.16
N ARG A 22 -3.84 17.31 16.21
CA ARG A 22 -3.25 17.13 17.52
C ARG A 22 -3.42 15.71 18.03
N PHE A 23 -4.47 15.04 17.60
CA PHE A 23 -4.72 13.71 18.11
C PHE A 23 -3.85 12.76 17.37
N SER A 24 -3.61 11.61 17.99
CA SER A 24 -2.87 10.63 17.31
C SER A 24 -3.85 9.63 16.65
N PRO A 25 -3.54 9.14 15.43
CA PRO A 25 -4.42 8.04 14.98
C PRO A 25 -4.36 6.90 16.00
N SER A 26 -5.41 6.07 16.03
CA SER A 26 -5.46 4.91 16.93
C SER A 26 -5.46 3.66 16.09
N PRO A 27 -4.39 2.85 16.18
CA PRO A 27 -4.30 1.62 15.37
C PRO A 27 -5.20 0.48 15.91
N LEU A 28 -5.79 -0.29 15.00
CA LEU A 28 -6.56 -1.46 15.37
C LEU A 28 -5.79 -2.68 14.92
N SER A 29 -6.02 -3.82 15.56
CA SER A 29 -5.44 -5.07 15.06
C SER A 29 -6.38 -5.73 14.07
N MET A 30 -5.83 -6.60 13.24
CA MET A 30 -6.61 -7.50 12.41
C MET A 30 -7.67 -8.26 13.26
N LYS A 31 -7.26 -8.81 14.39
CA LYS A 31 -8.24 -9.45 15.29
C LYS A 31 -9.40 -8.51 15.69
N GLN A 32 -9.11 -7.27 16.07
CA GLN A 32 -10.15 -6.28 16.41
C GLN A 32 -11.09 -5.96 15.27
N PHE A 33 -10.52 -5.75 14.07
CA PHE A 33 -11.36 -5.52 12.86
C PHE A 33 -12.29 -6.70 12.64
N LEU A 34 -11.74 -7.89 12.79
CA LEU A 34 -12.44 -9.14 12.59
C LEU A 34 -13.58 -9.36 13.65
N ASP A 35 -13.26 -9.22 14.93
CA ASP A 35 -14.20 -9.46 15.99
C ASP A 35 -15.29 -8.41 15.98
N PHE A 36 -14.94 -7.19 15.63
CA PHE A 36 -15.97 -6.16 15.49
C PHE A 36 -17.07 -6.56 14.48
N GLY A 37 -16.67 -6.94 13.27
CA GLY A 37 -17.64 -7.20 12.23
C GLY A 37 -18.22 -8.58 12.15
N SER A 38 -17.66 -9.54 12.90
CA SER A 38 -18.01 -10.95 12.71
C SER A 38 -19.45 -11.31 13.02
N VAL A 39 -19.97 -10.76 14.10
CA VAL A 39 -21.30 -11.13 14.55
C VAL A 39 -22.04 -9.85 14.91
N ASN A 40 -23.15 -9.64 14.20
CA ASN A 40 -23.97 -8.43 14.32
C ASN A 40 -23.15 -7.12 14.47
N ALA A 41 -22.33 -6.83 13.46
CA ALA A 41 -21.54 -5.60 13.46
C ALA A 41 -22.46 -4.43 13.78
N CYS A 42 -22.02 -3.57 14.69
CA CYS A 42 -22.80 -2.46 15.15
C CYS A 42 -22.50 -1.15 14.38
N GLU A 43 -23.50 -0.68 13.61
CA GLU A 43 -23.37 0.56 12.84
C GLU A 43 -23.14 1.77 13.74
N LYS A 44 -23.91 1.88 14.81
CA LYS A 44 -23.75 2.91 15.83
C LYS A 44 -22.34 3.04 16.38
N THR A 45 -21.80 1.92 16.84
CA THR A 45 -20.48 1.82 17.38
C THR A 45 -19.46 2.25 16.33
N SER A 46 -19.66 1.81 15.08
CA SER A 46 -18.75 2.15 13.99
C SER A 46 -18.78 3.67 13.74
N PHE A 47 -19.98 4.24 13.62
CA PHE A 47 -20.17 5.70 13.61
C PHE A 47 -19.39 6.45 14.72
N MET A 48 -19.48 5.97 15.97
CA MET A 48 -18.86 6.64 17.11
C MET A 48 -17.37 6.65 16.99
N PHE A 49 -16.81 5.54 16.54
CA PHE A 49 -15.36 5.49 16.36
C PHE A 49 -14.91 6.40 15.18
N LEU A 50 -15.55 6.23 14.04
CA LEU A 50 -15.08 6.82 12.78
C LEU A 50 -15.34 8.29 12.64
N ARG A 51 -16.34 8.81 13.34
CA ARG A 51 -16.55 10.24 13.32
C ARG A 51 -15.46 11.02 14.03
N GLN A 52 -14.67 10.34 14.87
CA GLN A 52 -13.47 10.95 15.37
C GLN A 52 -12.30 10.46 14.55
N GLU A 53 -12.18 9.15 14.40
CA GLU A 53 -10.98 8.61 13.79
C GLU A 53 -10.71 9.04 12.35
N LEU A 54 -11.73 9.08 11.50
CA LEU A 54 -11.44 9.43 10.11
C LEU A 54 -10.94 10.91 10.08
N PRO A 55 -11.65 11.88 10.73
CA PRO A 55 -11.10 13.23 10.83
C PRO A 55 -9.69 13.27 11.41
N VAL A 56 -9.41 12.45 12.43
CA VAL A 56 -7.99 12.41 12.95
C VAL A 56 -6.99 11.97 11.87
N ARG A 57 -7.28 10.86 11.21
CA ARG A 57 -6.36 10.41 10.16
C ARG A 57 -6.19 11.37 9.00
N LEU A 58 -7.30 11.92 8.54
CA LEU A 58 -7.29 12.92 7.47
C LEU A 58 -6.43 14.12 7.88
N ALA A 59 -6.70 14.71 9.06
CA ALA A 59 -6.00 15.93 9.49
C ALA A 59 -4.54 15.75 9.69
N ASN A 60 -4.17 14.63 10.31
CA ASN A 60 -2.72 14.27 10.46
C ASN A 60 -1.91 14.28 9.18
N ILE A 61 -2.42 13.67 8.13
CA ILE A 61 -1.65 13.57 6.89
C ILE A 61 -1.75 14.90 6.10
N MET A 62 -2.91 15.58 6.16
CA MET A 62 -3.04 16.94 5.58
C MET A 62 -1.97 17.92 6.05
N LYS A 63 -1.61 17.83 7.36
CA LYS A 63 -0.54 18.68 7.90
C LYS A 63 0.81 18.49 7.16
N GLU A 64 1.07 17.26 6.71
CA GLU A 64 2.30 16.95 5.97
C GLU A 64 2.21 17.27 4.47
N ILE A 65 1.03 17.17 3.88
CA ILE A 65 0.84 17.65 2.51
C ILE A 65 1.29 19.16 2.45
N SER A 66 0.95 19.92 3.48
CA SER A 66 1.31 21.35 3.59
C SER A 66 2.79 21.63 3.68
N LEU A 67 3.59 20.64 4.03
CA LEU A 67 5.01 20.80 4.19
C LEU A 67 5.79 20.35 2.95
N LEU A 68 5.09 19.89 1.92
CA LEU A 68 5.76 19.49 0.69
C LEU A 68 6.46 20.67 0.03
N PRO A 69 7.49 20.38 -0.80
CA PRO A 69 8.09 21.51 -1.53
C PRO A 69 7.02 22.26 -2.32
N ASP A 70 7.12 23.58 -2.34
CA ASP A 70 6.10 24.39 -2.95
C ASP A 70 5.82 24.00 -4.41
N ASN A 71 6.86 23.67 -5.17
CA ASN A 71 6.67 23.27 -6.56
C ASN A 71 5.95 21.92 -6.73
N LEU A 72 5.90 21.11 -5.67
CA LEU A 72 5.11 19.85 -5.73
C LEU A 72 3.66 20.09 -5.24
N LEU A 73 3.54 20.84 -4.14
CA LEU A 73 2.29 21.12 -3.54
C LEU A 73 1.43 21.88 -4.54
N ARG A 74 2.05 22.73 -5.36
CA ARG A 74 1.29 23.60 -6.23
C ARG A 74 0.91 22.91 -7.54
N THR A 75 1.32 21.64 -7.75
CA THR A 75 0.95 20.89 -8.98
C THR A 75 -0.55 20.73 -9.02
N PRO A 76 -1.15 20.69 -10.22
CA PRO A 76 -2.60 20.51 -10.28
C PRO A 76 -3.09 19.20 -9.62
N SER A 77 -2.33 18.11 -9.75
CA SER A 77 -2.73 16.79 -9.21
C SER A 77 -2.68 16.75 -7.68
N VAL A 78 -1.62 17.32 -7.12
CA VAL A 78 -1.57 17.49 -5.62
C VAL A 78 -2.64 18.45 -5.07
N GLN A 79 -2.85 19.59 -5.75
CA GLN A 79 -3.97 20.48 -5.42
C GLN A 79 -5.29 19.71 -5.42
N LEU A 80 -5.53 18.88 -6.43
CA LEU A 80 -6.76 18.09 -6.48
C LEU A 80 -6.89 17.11 -5.28
N VAL A 81 -5.86 16.30 -5.03
CA VAL A 81 -5.87 15.39 -3.86
C VAL A 81 -6.16 16.15 -2.52
N GLN A 82 -5.47 17.25 -2.30
CA GLN A 82 -5.66 18.07 -1.10
C GLN A 82 -7.08 18.55 -1.03
N SER A 83 -7.65 18.95 -2.18
CA SER A 83 -9.03 19.45 -2.13
C SER A 83 -10.02 18.33 -1.76
N TRP A 84 -9.76 17.12 -2.26
CA TRP A 84 -10.54 15.93 -1.89
C TRP A 84 -10.49 15.67 -0.39
N TYR A 85 -9.29 15.73 0.19
CA TYR A 85 -9.14 15.57 1.61
C TYR A 85 -9.89 16.64 2.39
N ILE A 86 -9.74 17.92 1.97
CA ILE A 86 -10.40 19.02 2.62
C ILE A 86 -11.91 18.79 2.63
N GLN A 87 -12.48 18.49 1.47
CA GLN A 87 -13.90 18.19 1.40
C GLN A 87 -14.37 17.02 2.26
N SER A 88 -13.67 15.88 2.20
CA SER A 88 -14.04 14.75 3.05
C SER A 88 -13.96 15.10 4.54
N LEU A 89 -12.88 15.76 4.96
CA LEU A 89 -12.80 16.22 6.35
C LEU A 89 -14.03 17.01 6.76
N GLN A 90 -14.37 18.05 5.99
CA GLN A 90 -15.52 18.91 6.24
C GLN A 90 -16.84 18.16 6.31
N GLU A 91 -17.03 17.18 5.42
CA GLU A 91 -18.25 16.42 5.42
C GLU A 91 -18.36 15.56 6.65
N LEU A 92 -17.25 14.95 7.05
CA LEU A 92 -17.26 14.16 8.26
C LEU A 92 -17.54 14.99 9.52
N LEU A 93 -17.00 16.20 9.58
CA LEU A 93 -17.15 17.05 10.77
C LEU A 93 -18.54 17.61 10.98
N ASP A 94 -19.40 17.52 9.97
CA ASP A 94 -20.83 17.87 10.12
C ASP A 94 -21.54 17.00 11.19
N PHE A 95 -20.90 15.90 11.60
CA PHE A 95 -21.50 14.82 12.42
C PHE A 95 -21.03 14.73 13.88
N LYS A 96 -19.97 15.45 14.22
CA LYS A 96 -19.43 15.43 15.59
C LYS A 96 -20.48 15.91 16.61
N ASP A 97 -21.47 16.67 16.15
CA ASP A 97 -22.52 17.17 17.04
C ASP A 97 -23.75 16.27 17.15
N LYS A 98 -23.97 15.47 16.10
CA LYS A 98 -25.10 14.54 16.02
C LYS A 98 -25.06 13.42 17.08
N SER A 99 -26.21 12.81 17.34
CA SER A 99 -26.33 11.80 18.38
C SER A 99 -26.15 10.39 17.86
N ALA A 100 -25.50 9.54 18.64
CA ALA A 100 -25.42 8.13 18.29
C ALA A 100 -26.83 7.51 18.21
N GLU A 101 -27.80 8.16 18.86
CA GLU A 101 -29.16 7.64 18.95
C GLU A 101 -30.08 8.09 17.79
N ASP A 102 -29.58 9.07 17.03
CA ASP A 102 -30.23 9.64 15.86
C ASP A 102 -29.99 8.67 14.70
N ALA A 103 -30.96 7.79 14.48
CA ALA A 103 -30.94 6.86 13.36
C ALA A 103 -30.75 7.51 11.99
N LYS A 104 -31.31 8.71 11.78
CA LYS A 104 -31.10 9.40 10.50
C LYS A 104 -29.63 9.81 10.33
N ALA A 105 -29.02 10.32 11.40
CA ALA A 105 -27.60 10.64 11.46
C ALA A 105 -26.71 9.45 11.14
N ILE A 106 -27.09 8.24 11.55
CA ILE A 106 -26.30 7.02 11.30
C ILE A 106 -26.36 6.63 9.82
N TYR A 107 -27.59 6.54 9.31
CA TYR A 107 -27.88 6.41 7.88
C TYR A 107 -27.08 7.43 7.03
N ASP A 108 -27.24 8.72 7.32
CA ASP A 108 -26.50 9.81 6.68
C ASP A 108 -24.97 9.63 6.74
N PHE A 109 -24.44 9.25 7.91
CA PHE A 109 -23.00 9.02 8.08
C PHE A 109 -22.58 7.91 7.13
N THR A 110 -23.37 6.83 7.10
CA THR A 110 -22.99 5.67 6.29
C THR A 110 -22.96 6.03 4.79
N ASP A 111 -24.00 6.76 4.33
CA ASP A 111 -24.02 7.35 2.97
C ASP A 111 -22.77 8.16 2.63
N THR A 112 -22.34 8.97 3.62
CA THR A 112 -21.19 9.87 3.52
C THR A 112 -19.89 9.11 3.41
N VAL A 113 -19.73 8.08 4.24
CA VAL A 113 -18.60 7.16 4.14
C VAL A 113 -18.45 6.50 2.75
N ILE A 114 -19.55 6.01 2.24
CA ILE A 114 -19.65 5.38 0.91
C ILE A 114 -19.32 6.37 -0.19
N ARG A 115 -19.85 7.58 -0.08
CA ARG A 115 -19.51 8.63 -1.03
C ARG A 115 -18.03 9.00 -1.00
N ILE A 116 -17.45 9.16 0.19
CA ILE A 116 -16.01 9.45 0.35
C ILE A 116 -15.15 8.34 -0.25
N ARG A 117 -15.55 7.09 0.01
CA ARG A 117 -14.88 5.97 -0.54
C ARG A 117 -14.74 6.13 -2.08
N ASN A 118 -15.84 6.41 -2.79
CA ASN A 118 -15.72 6.76 -4.23
C ASN A 118 -14.86 8.00 -4.64
N ARG A 119 -15.15 9.19 -4.11
CA ARG A 119 -14.25 10.36 -4.31
C ARG A 119 -12.71 10.05 -4.24
N HIS A 120 -12.35 9.18 -3.28
CA HIS A 120 -10.91 8.89 -2.94
C HIS A 120 -10.32 7.71 -3.75
N ASN A 121 -11.13 7.11 -4.60
CA ASN A 121 -10.71 5.95 -5.41
C ASN A 121 -9.41 6.04 -6.23
N ASP A 122 -9.12 7.25 -6.68
CA ASP A 122 -8.05 7.53 -7.61
C ASP A 122 -6.90 8.25 -6.92
N VAL A 123 -6.89 8.24 -5.59
CA VAL A 123 -5.91 9.04 -4.81
C VAL A 123 -4.42 8.69 -5.10
N ILE A 124 -4.09 7.40 -5.07
CA ILE A 124 -2.76 6.90 -5.38
C ILE A 124 -2.22 7.39 -6.76
N PRO A 125 -2.90 7.07 -7.89
CA PRO A 125 -2.34 7.57 -9.17
C PRO A 125 -2.39 9.08 -9.39
N THR A 126 -3.34 9.77 -8.77
CA THR A 126 -3.42 11.25 -8.84
C THR A 126 -2.23 11.87 -8.09
N MET A 127 -1.97 11.43 -6.86
CA MET A 127 -0.71 11.77 -6.24
C MET A 127 0.55 11.46 -7.08
N ALA A 128 0.63 10.25 -7.67
CA ALA A 128 1.75 9.89 -8.54
C ALA A 128 1.89 10.85 -9.74
N GLN A 129 0.75 11.28 -10.26
CA GLN A 129 0.72 12.23 -11.37
C GLN A 129 1.29 13.58 -10.94
N GLY A 130 0.95 13.98 -9.71
CA GLY A 130 1.63 15.11 -9.05
C GLY A 130 3.15 15.07 -9.03
N VAL A 131 3.71 13.95 -8.66
CA VAL A 131 5.13 13.78 -8.67
C VAL A 131 5.70 13.86 -10.13
N ILE A 132 5.00 13.28 -11.10
CA ILE A 132 5.39 13.45 -12.53
C ILE A 132 5.35 14.94 -12.95
N GLU A 133 4.23 15.63 -12.66
CA GLU A 133 4.14 17.06 -12.93
C GLU A 133 5.29 17.86 -12.33
N TYR A 134 5.67 17.51 -11.10
CA TYR A 134 6.75 18.16 -10.37
C TYR A 134 8.12 17.82 -10.94
N LYS A 135 8.36 16.56 -11.18
CA LYS A 135 9.61 16.12 -11.78
C LYS A 135 9.82 16.82 -13.16
N GLU A 136 8.78 16.83 -14.00
CA GLU A 136 8.83 17.36 -15.36
C GLU A 136 9.22 18.81 -15.43
N SER A 137 8.64 19.62 -14.56
CA SER A 137 8.80 21.05 -14.70
C SER A 137 9.92 21.66 -13.86
N PHE A 138 10.56 20.87 -13.00
CA PHE A 138 11.43 21.46 -11.96
C PHE A 138 12.75 20.76 -11.73
N ASP A 141 15.95 18.08 -7.53
CA ASP A 141 16.54 18.72 -6.35
C ASP A 141 16.71 17.72 -5.20
N PRO A 142 17.98 17.43 -4.81
CA PRO A 142 18.26 16.36 -3.83
C PRO A 142 18.03 16.80 -2.40
N VAL A 143 18.03 18.12 -2.19
CA VAL A 143 17.79 18.74 -0.88
C VAL A 143 16.41 18.30 -0.35
N THR A 144 15.40 18.40 -1.22
CA THR A 144 14.01 18.07 -0.87
C THR A 144 13.54 16.70 -1.36
N SER A 145 14.39 15.95 -2.04
CA SER A 145 14.01 14.63 -2.53
C SER A 145 13.99 13.58 -1.43
N GLN A 146 14.73 13.86 -0.35
CA GLN A 146 14.55 13.11 0.88
C GLN A 146 13.18 13.42 1.48
N ASN A 147 12.72 14.69 1.39
CA ASN A 147 11.40 15.02 1.96
C ASN A 147 10.24 14.34 1.22
N VAL A 148 10.38 14.20 -0.10
CA VAL A 148 9.35 13.59 -0.95
C VAL A 148 9.28 12.09 -0.65
N GLN A 149 10.44 11.44 -0.51
CA GLN A 149 10.49 10.05 -0.15
C GLN A 149 9.81 9.82 1.21
N TYR A 150 10.17 10.62 2.22
CA TYR A 150 9.57 10.52 3.56
C TYR A 150 8.05 10.72 3.48
N PHE A 151 7.64 11.83 2.86
CA PHE A 151 6.22 12.08 2.64
C PHE A 151 5.43 10.95 1.99
N LEU A 152 5.88 10.45 0.83
CA LEU A 152 5.07 9.50 0.04
C LEU A 152 4.88 8.18 0.75
N ASP A 153 5.90 7.70 1.47
CA ASP A 153 5.73 6.53 2.34
C ASP A 153 4.59 6.74 3.34
N ARG A 154 4.60 7.90 3.98
CA ARG A 154 3.60 8.21 5.00
C ARG A 154 2.23 8.47 4.39
N PHE A 155 2.18 9.29 3.33
CA PHE A 155 0.93 9.55 2.64
C PHE A 155 0.30 8.27 2.07
N TYR A 156 1.11 7.40 1.45
CA TYR A 156 0.50 6.19 0.92
C TYR A 156 0.11 5.19 2.04
N MET A 157 0.89 5.13 3.11
CA MET A 157 0.46 4.28 4.24
C MET A 157 -0.82 4.84 4.89
N SER A 158 -0.85 6.13 5.07
CA SER A 158 -2.05 6.78 5.57
C SER A 158 -3.27 6.47 4.72
N ARG A 159 -3.12 6.63 3.41
CA ARG A 159 -4.20 6.32 2.48
C ARG A 159 -4.65 4.86 2.59
N ILE A 160 -3.70 3.93 2.70
CA ILE A 160 -4.03 2.51 2.89
C ILE A 160 -4.93 2.29 4.14
N SER A 161 -4.56 2.99 5.22
CA SER A 161 -5.28 2.90 6.49
C SER A 161 -6.66 3.56 6.42
N ILE A 162 -6.75 4.68 5.70
CA ILE A 162 -8.03 5.34 5.53
C ILE A 162 -8.98 4.48 4.68
N ARG A 163 -8.44 3.91 3.61
CA ARG A 163 -9.22 3.11 2.67
C ARG A 163 -9.66 1.83 3.41
N MET A 164 -8.80 1.25 4.27
CA MET A 164 -9.25 0.12 5.14
C MET A 164 -10.52 0.44 5.94
N LEU A 165 -10.54 1.58 6.62
CA LEU A 165 -11.70 2.00 7.46
C LEU A 165 -12.92 2.24 6.60
N LEU A 166 -12.75 2.95 5.49
CA LEU A 166 -13.85 3.27 4.58
C LEU A 166 -14.43 1.99 4.01
N ASN A 167 -13.58 1.08 3.57
CA ASN A 167 -14.03 -0.23 3.09
C ASN A 167 -14.72 -1.07 4.15
N GLN A 168 -14.11 -1.21 5.32
CA GLN A 168 -14.76 -1.99 6.40
C GLN A 168 -16.19 -1.51 6.63
N HIS A 169 -16.34 -0.21 6.86
CA HIS A 169 -17.64 0.35 7.21
C HIS A 169 -18.64 0.26 6.05
N SER A 170 -18.18 0.60 4.83
CA SER A 170 -19.02 0.53 3.61
C SER A 170 -19.49 -0.92 3.32
N LEU A 171 -18.60 -1.90 3.43
CA LEU A 171 -18.96 -3.30 3.18
C LEU A 171 -19.84 -3.85 4.30
N LEU A 172 -19.55 -3.53 5.56
CA LEU A 172 -20.42 -4.02 6.64
C LEU A 172 -21.82 -3.39 6.67
N PHE A 173 -21.96 -2.13 6.29
CA PHE A 173 -23.22 -1.38 6.53
C PHE A 173 -23.93 -0.79 5.33
N GLY A 174 -23.32 -0.85 4.14
CA GLY A 174 -23.88 -0.18 2.96
C GLY A 174 -24.57 -1.12 1.98
N LYS A 185 -18.60 -15.14 4.03
CA LYS A 185 -17.59 -15.51 5.03
C LYS A 185 -16.57 -14.39 5.34
N HIS A 186 -16.36 -13.50 4.37
CA HIS A 186 -15.60 -12.26 4.54
C HIS A 186 -16.25 -11.26 5.50
N ILE A 187 -15.42 -10.66 6.34
CA ILE A 187 -15.83 -9.60 7.23
C ILE A 187 -15.34 -8.23 6.68
N GLY A 188 -16.21 -7.50 6.01
CA GLY A 188 -15.75 -6.36 5.24
C GLY A 188 -14.76 -6.88 4.23
N SER A 189 -13.54 -6.31 4.22
CA SER A 189 -12.53 -6.73 3.30
C SER A 189 -11.69 -7.95 3.80
N ILE A 190 -11.94 -8.40 5.03
CA ILE A 190 -11.09 -9.42 5.62
C ILE A 190 -11.58 -10.84 5.32
N ASN A 191 -10.69 -11.70 4.87
CA ASN A 191 -11.03 -13.12 4.79
C ASN A 191 -10.41 -13.79 6.01
N PRO A 192 -11.25 -14.34 6.94
CA PRO A 192 -10.65 -15.06 8.11
C PRO A 192 -9.85 -16.31 7.74
N ASN A 193 -10.04 -16.81 6.54
CA ASN A 193 -9.37 -18.04 6.06
C ASN A 193 -8.84 -17.76 4.67
N CYS A 194 -7.93 -16.80 4.58
CA CYS A 194 -7.35 -16.47 3.28
C CYS A 194 -6.41 -17.61 2.78
N ASN A 195 -6.74 -18.18 1.63
CA ASN A 195 -5.99 -19.27 1.03
C ASN A 195 -4.77 -18.71 0.29
N VAL A 196 -3.61 -18.78 0.94
CA VAL A 196 -2.42 -18.05 0.51
C VAL A 196 -1.97 -18.53 -0.88
N LEU A 197 -1.95 -19.84 -1.10
CA LEU A 197 -1.45 -20.36 -2.37
C LEU A 197 -2.34 -19.97 -3.55
N GLU A 198 -3.65 -19.92 -3.30
CA GLU A 198 -4.65 -19.53 -4.31
C GLU A 198 -4.41 -18.10 -4.75
N VAL A 199 -4.14 -17.21 -3.81
CA VAL A 199 -3.86 -15.80 -4.14
C VAL A 199 -2.55 -15.67 -4.92
N ILE A 200 -1.53 -16.42 -4.53
CA ILE A 200 -0.22 -16.43 -5.22
C ILE A 200 -0.41 -16.86 -6.70
N LYS A 201 -1.16 -17.93 -6.88
CA LYS A 201 -1.44 -18.43 -8.20
C LYS A 201 -2.19 -17.43 -9.08
N ASP A 202 -3.16 -16.73 -8.51
CA ASP A 202 -3.92 -15.63 -9.14
C ASP A 202 -2.98 -14.46 -9.56
N GLY A 203 -2.13 -14.01 -8.65
CA GLY A 203 -1.03 -13.09 -8.98
C GLY A 203 -0.11 -13.52 -10.10
N TYR A 204 0.25 -14.79 -10.11
CA TYR A 204 1.15 -15.33 -11.09
C TYR A 204 0.46 -15.31 -12.43
N GLU A 205 -0.78 -15.76 -12.49
CA GLU A 205 -1.47 -15.88 -13.78
C GLU A 205 -1.75 -14.56 -14.43
N ASN A 206 -2.09 -13.56 -13.65
CA ASN A 206 -2.20 -12.18 -14.15
C ASN A 206 -0.91 -11.46 -14.57
N ALA A 207 0.16 -11.68 -13.82
CA ALA A 207 1.46 -11.19 -14.20
C ALA A 207 1.93 -11.87 -15.47
N ARG A 208 1.72 -13.18 -15.53
CA ARG A 208 2.08 -14.00 -16.66
C ARG A 208 1.40 -13.53 -17.95
N ARG A 209 0.12 -13.20 -17.87
CA ARG A 209 -0.59 -12.63 -19.06
C ARG A 209 0.14 -11.36 -19.56
N LEU A 210 0.49 -10.46 -18.64
CA LEU A 210 1.18 -9.23 -19.01
C LEU A 210 2.56 -9.46 -19.56
N CYS A 211 3.25 -10.49 -19.03
CA CYS A 211 4.59 -10.87 -19.48
C CYS A 211 4.57 -11.35 -20.92
N ASP A 212 3.65 -12.24 -21.18
CA ASP A 212 3.39 -12.78 -22.53
C ASP A 212 3.04 -11.65 -23.52
N LEU A 213 2.19 -10.68 -23.10
CA LEU A 213 1.83 -9.55 -23.97
C LEU A 213 3.06 -8.71 -24.37
N TYR A 214 4.02 -8.55 -23.45
CA TYR A 214 5.12 -7.64 -23.69
C TYR A 214 6.37 -8.31 -24.26
N TYR A 215 6.67 -9.52 -23.80
CA TYR A 215 7.91 -10.20 -24.17
C TYR A 215 7.67 -11.38 -25.08
N ILE A 216 6.40 -11.69 -25.33
CA ILE A 216 6.00 -12.80 -26.20
C ILE A 216 6.46 -14.14 -25.66
N ASN A 217 6.67 -14.19 -24.34
CA ASN A 217 7.11 -15.41 -23.66
C ASN A 217 7.09 -15.08 -22.18
N SER A 218 7.21 -16.06 -21.29
CA SER A 218 7.11 -15.81 -19.84
C SER A 218 7.73 -17.03 -19.15
N PRO A 219 8.23 -16.86 -17.91
CA PRO A 219 8.74 -18.00 -17.15
C PRO A 219 7.60 -18.84 -16.54
N GLU A 220 7.83 -20.14 -16.34
CA GLU A 220 6.92 -20.98 -15.58
C GLU A 220 7.01 -20.65 -14.06
N LEU A 221 6.04 -21.14 -13.28
CA LEU A 221 6.04 -20.97 -11.83
C LEU A 221 6.38 -22.31 -11.21
N GLU A 222 7.26 -22.34 -10.20
CA GLU A 222 7.44 -23.54 -9.36
C GLU A 222 7.09 -23.10 -7.94
N LEU A 223 6.11 -23.75 -7.35
CA LEU A 223 5.52 -23.33 -6.11
C LEU A 223 5.65 -24.47 -5.13
N GLU A 224 6.21 -24.18 -3.95
CA GLU A 224 6.29 -25.17 -2.89
C GLU A 224 5.83 -24.55 -1.56
N GLU A 225 5.22 -25.37 -0.71
CA GLU A 225 4.74 -24.88 0.57
C GLU A 225 5.15 -25.77 1.73
N LEU A 226 5.29 -25.15 2.89
CA LEU A 226 5.62 -25.88 4.11
C LEU A 226 4.79 -25.29 5.22
N ASN A 227 3.79 -26.01 5.71
CA ASN A 227 3.07 -25.55 6.90
C ASN A 227 3.79 -26.14 8.11
N ALA A 228 4.72 -25.40 8.69
CA ALA A 228 5.53 -25.92 9.76
C ALA A 228 4.71 -25.98 11.04
N LYS A 229 3.78 -25.05 11.23
CA LYS A 229 2.95 -25.02 12.43
C LYS A 229 1.98 -26.24 12.54
N SER A 230 1.46 -26.71 11.39
CA SER A 230 0.52 -27.86 11.27
C SER A 230 0.80 -28.60 9.96
N PRO A 231 1.88 -29.39 9.91
CA PRO A 231 2.41 -29.95 8.63
C PRO A 231 1.34 -30.57 7.74
N GLY A 232 1.52 -30.54 6.42
CA GLY A 232 0.51 -31.09 5.47
C GLY A 232 -0.84 -30.39 5.31
N GLN A 233 -1.22 -29.51 6.25
CA GLN A 233 -2.45 -28.71 6.16
C GLN A 233 -2.35 -27.43 5.27
N PRO A 234 -3.47 -27.03 4.62
CA PRO A 234 -3.51 -25.78 3.84
C PRO A 234 -3.04 -24.58 4.68
N ILE A 235 -2.33 -23.65 4.06
CA ILE A 235 -1.84 -22.50 4.75
C ILE A 235 -2.90 -21.42 4.62
N GLN A 236 -3.40 -20.93 5.72
CA GLN A 236 -4.40 -19.88 5.69
C GLN A 236 -4.06 -18.86 6.77
N VAL A 237 -4.36 -17.60 6.51
CA VAL A 237 -4.19 -16.59 7.50
C VAL A 237 -5.44 -15.72 7.48
N VAL A 238 -5.69 -14.99 8.57
CA VAL A 238 -6.68 -13.92 8.54
C VAL A 238 -5.99 -12.76 7.80
N TYR A 239 -6.54 -12.30 6.69
CA TYR A 239 -5.89 -11.25 5.91
C TYR A 239 -6.81 -10.53 4.93
N VAL A 240 -6.39 -9.38 4.41
CA VAL A 240 -7.08 -8.73 3.29
C VAL A 240 -6.56 -9.35 1.97
N PRO A 241 -7.38 -10.14 1.27
CA PRO A 241 -6.73 -10.85 0.16
C PRO A 241 -6.20 -9.95 -0.94
N SER A 242 -6.91 -8.88 -1.24
CA SER A 242 -6.45 -7.91 -2.24
C SER A 242 -5.10 -7.27 -1.84
N HIS A 243 -4.81 -7.12 -0.55
CA HIS A 243 -3.43 -6.64 -0.13
C HIS A 243 -2.36 -7.62 -0.49
N LEU A 244 -2.61 -8.89 -0.18
CA LEU A 244 -1.65 -9.96 -0.52
C LEU A 244 -1.53 -10.12 -2.03
N TYR A 245 -2.66 -10.02 -2.71
CA TYR A 245 -2.64 -10.10 -4.18
C TYR A 245 -1.74 -9.01 -4.73
N HIS A 246 -1.95 -7.77 -4.32
CA HIS A 246 -1.12 -6.64 -4.81
C HIS A 246 0.40 -6.91 -4.66
N MET A 247 0.84 -7.39 -3.49
CA MET A 247 2.26 -7.61 -3.27
C MET A 247 2.78 -8.68 -4.19
N VAL A 248 2.04 -9.79 -4.32
CA VAL A 248 2.58 -10.92 -5.09
C VAL A 248 2.59 -10.63 -6.57
N PHE A 249 1.55 -9.97 -7.03
CA PHE A 249 1.44 -9.61 -8.43
C PHE A 249 2.53 -8.60 -8.78
N GLU A 250 2.74 -7.60 -7.94
CA GLU A 250 3.79 -6.64 -8.23
C GLU A 250 5.16 -7.31 -8.24
N LEU A 251 5.38 -8.28 -7.35
CA LEU A 251 6.69 -8.95 -7.28
C LEU A 251 6.89 -9.89 -8.46
N PHE A 252 5.83 -10.57 -8.91
CA PHE A 252 5.93 -11.41 -10.09
C PHE A 252 6.33 -10.59 -11.32
N LYS A 253 5.64 -9.47 -11.54
CA LYS A 253 6.02 -8.54 -12.61
C LYS A 253 7.48 -8.14 -12.63
N ASN A 254 7.98 -7.74 -11.46
CA ASN A 254 9.38 -7.49 -11.20
C ASN A 254 10.31 -8.67 -11.51
N ALA A 255 9.97 -9.87 -11.03
CA ALA A 255 10.77 -11.07 -11.27
C ALA A 255 10.74 -11.46 -12.79
N MET A 256 9.54 -11.41 -13.37
CA MET A 256 9.36 -11.67 -14.79
C MET A 256 10.12 -10.73 -15.74
N ARG A 257 9.99 -9.43 -15.54
CA ARG A 257 10.82 -8.43 -16.25
C ARG A 257 12.33 -8.74 -16.22
N ALA A 258 12.90 -8.88 -15.02
CA ALA A 258 14.33 -9.21 -14.89
C ALA A 258 14.65 -10.50 -15.64
N THR A 259 13.82 -11.54 -15.46
CA THR A 259 14.03 -12.79 -16.17
C THR A 259 14.02 -12.65 -17.69
N MET A 260 12.99 -11.99 -18.23
CA MET A 260 12.88 -11.84 -19.69
C MET A 260 13.99 -10.96 -20.30
N GLU A 261 14.41 -9.97 -19.54
CA GLU A 261 15.45 -9.07 -20.00
C GLU A 261 16.86 -9.63 -19.93
N HIS A 262 17.12 -10.50 -18.95
CA HIS A 262 18.44 -11.07 -18.76
C HIS A 262 18.66 -12.21 -19.73
N HIS A 263 17.61 -12.96 -20.01
CA HIS A 263 17.74 -14.20 -20.76
C HIS A 263 17.34 -14.08 -22.25
N ALA A 264 17.09 -12.84 -22.72
CA ALA A 264 16.67 -12.54 -24.10
C ALA A 264 17.42 -13.34 -25.19
N ASN A 265 18.75 -13.30 -25.10
CA ASN A 265 19.64 -13.90 -26.13
C ASN A 265 19.54 -15.43 -26.20
N ARG A 266 19.81 -16.13 -25.08
CA ARG A 266 19.66 -17.62 -25.06
C ARG A 266 18.21 -18.11 -25.34
N GLY A 267 17.21 -17.33 -24.94
CA GLY A 267 15.80 -17.68 -25.27
C GLY A 267 15.21 -18.85 -24.47
N VAL A 268 15.83 -19.13 -23.32
CA VAL A 268 15.39 -20.16 -22.38
C VAL A 268 15.23 -19.44 -21.04
N TYR A 269 14.03 -19.47 -20.47
CA TYR A 269 13.73 -18.59 -19.34
C TYR A 269 13.53 -19.38 -18.08
N PRO A 270 14.44 -19.20 -17.10
CA PRO A 270 14.35 -20.04 -15.91
C PRO A 270 13.04 -19.72 -15.21
N PRO A 271 12.44 -20.69 -14.52
CA PRO A 271 11.13 -20.41 -13.94
C PRO A 271 11.22 -19.47 -12.71
N ILE A 272 10.12 -18.87 -12.28
CA ILE A 272 10.09 -18.14 -11.01
C ILE A 272 9.80 -19.17 -9.91
N GLN A 273 10.59 -19.21 -8.84
CA GLN A 273 10.31 -20.19 -7.78
C GLN A 273 9.79 -19.49 -6.53
N VAL A 274 8.71 -20.01 -5.98
CA VAL A 274 8.06 -19.38 -4.87
C VAL A 274 7.98 -20.43 -3.75
N HIS A 275 8.48 -20.08 -2.57
CA HIS A 275 8.43 -20.95 -1.43
C HIS A 275 7.62 -20.25 -0.36
N VAL A 276 6.54 -20.92 0.07
CA VAL A 276 5.67 -20.42 1.10
C VAL A 276 5.84 -21.25 2.37
N THR A 277 6.13 -20.56 3.47
CA THR A 277 6.18 -21.25 4.76
C THR A 277 5.28 -20.54 5.78
N LEU A 278 4.54 -21.34 6.56
CA LEU A 278 3.86 -20.84 7.75
C LEU A 278 4.58 -21.36 8.97
N GLY A 279 5.19 -20.44 9.68
CA GLY A 279 5.90 -20.77 10.90
C GLY A 279 5.01 -20.38 12.05
N ASN A 280 5.57 -20.42 13.25
CA ASN A 280 4.86 -20.05 14.48
C ASN A 280 4.38 -18.61 14.55
N GLU A 281 5.16 -17.70 13.97
CA GLU A 281 4.90 -16.29 14.08
C GLU A 281 4.82 -15.62 12.68
N ASP A 282 5.61 -16.15 11.74
CA ASP A 282 5.70 -15.59 10.36
C ASP A 282 5.08 -16.48 9.33
N LEU A 283 4.19 -15.91 8.47
CA LEU A 283 3.97 -16.40 7.12
C LEU A 283 4.97 -15.72 6.17
N THR A 284 5.68 -16.51 5.39
CA THR A 284 6.74 -15.94 4.50
C THR A 284 6.51 -16.45 3.10
N VAL A 285 6.64 -15.55 2.14
CA VAL A 285 6.54 -15.92 0.76
C VAL A 285 7.87 -15.46 0.15
N LYS A 286 8.69 -16.41 -0.25
CA LYS A 286 9.92 -16.11 -0.95
C LYS A 286 9.77 -16.31 -2.44
N MET A 287 10.13 -15.30 -3.21
CA MET A 287 10.07 -15.39 -4.70
C MET A 287 11.44 -15.21 -5.31
N SER A 288 11.90 -16.22 -6.06
CA SER A 288 13.30 -16.23 -6.48
C SER A 288 13.34 -16.23 -8.00
N ASP A 289 14.13 -15.34 -8.57
CA ASP A 289 14.25 -15.30 -10.02
C ASP A 289 15.73 -15.42 -10.40
N ARG A 290 15.99 -15.85 -11.64
CA ARG A 290 17.33 -15.78 -12.22
C ARG A 290 17.49 -14.62 -13.24
N GLY A 291 17.03 -13.43 -12.86
CA GLY A 291 16.99 -12.26 -13.73
C GLY A 291 18.23 -11.39 -13.82
N GLY A 292 19.37 -11.91 -13.31
CA GLY A 292 20.63 -11.19 -13.38
C GLY A 292 21.01 -10.33 -12.17
N GLY A 293 20.05 -10.08 -11.28
CA GLY A 293 20.18 -9.19 -10.12
C GLY A 293 20.53 -7.73 -10.39
N VAL A 294 20.85 -7.04 -9.31
CA VAL A 294 21.16 -5.60 -9.22
C VAL A 294 22.22 -5.51 -8.13
N PRO A 295 23.28 -4.69 -8.33
CA PRO A 295 24.20 -4.45 -7.25
C PRO A 295 23.53 -3.81 -6.04
N LEU A 296 24.11 -4.04 -4.88
CA LEU A 296 23.56 -3.60 -3.59
C LEU A 296 23.44 -2.06 -3.49
N ARG A 297 24.39 -1.38 -4.12
CA ARG A 297 24.35 0.07 -4.28
C ARG A 297 23.05 0.57 -4.94
N LYS A 298 22.45 -0.21 -5.84
CA LYS A 298 21.29 0.26 -6.57
C LYS A 298 19.95 -0.37 -6.18
N ILE A 299 19.98 -1.35 -5.29
CA ILE A 299 18.77 -2.17 -5.11
C ILE A 299 17.60 -1.33 -4.49
N ASP A 300 17.97 -0.37 -3.65
CA ASP A 300 17.01 0.47 -3.00
C ASP A 300 16.30 1.46 -3.89
N ARG A 301 16.73 1.54 -5.15
CA ARG A 301 16.07 2.47 -6.05
C ARG A 301 14.72 1.90 -6.39
N LEU A 302 14.57 0.58 -6.34
CA LEU A 302 13.27 -0.03 -6.60
C LEU A 302 12.19 0.53 -5.63
N PHE A 303 12.61 1.03 -4.46
CA PHE A 303 11.68 1.58 -3.46
C PHE A 303 11.68 3.12 -3.38
N ASN A 304 12.51 3.77 -4.21
CA ASN A 304 12.57 5.22 -4.27
C ASN A 304 11.54 5.79 -5.30
N TYR A 305 10.59 6.60 -4.81
CA TYR A 305 9.52 7.21 -5.62
C TYR A 305 10.03 8.04 -6.76
N MET A 306 11.01 8.90 -6.49
CA MET A 306 11.57 9.81 -7.52
C MET A 306 12.30 9.05 -8.62
N TYR A 307 13.14 8.11 -8.20
CA TYR A 307 13.77 7.25 -9.14
C TYR A 307 12.80 6.48 -10.03
N SER A 308 11.72 5.92 -9.47
CA SER A 308 10.76 5.21 -10.30
C SER A 308 9.58 6.03 -10.83
N THR A 309 9.71 7.35 -10.86
CA THR A 309 8.64 8.20 -11.35
C THR A 309 8.80 8.28 -12.85
N ALA A 310 7.97 7.51 -13.57
CA ALA A 310 7.96 7.51 -15.05
C ALA A 310 6.57 7.88 -15.57
N PRO A 311 6.50 8.87 -16.50
CA PRO A 311 5.27 9.11 -17.28
C PRO A 311 4.49 7.82 -17.67
N ARG A 312 3.18 7.85 -17.47
CA ARG A 312 2.34 6.76 -17.89
C ARG A 312 2.31 6.72 -19.43
N PRO A 313 2.30 5.51 -20.01
CA PRO A 313 2.29 5.49 -21.48
C PRO A 313 0.94 6.03 -21.96
N ARG A 314 0.89 6.49 -23.22
CA ARG A 314 -0.35 6.98 -23.79
C ARG A 314 -1.41 5.87 -23.93
N VAL A 315 -2.67 6.27 -23.82
CA VAL A 315 -3.83 5.41 -24.10
C VAL A 315 -3.82 4.97 -25.57
N GLU A 316 -3.46 5.91 -26.46
CA GLU A 316 -3.64 5.76 -27.91
C GLU A 316 -2.58 4.86 -28.54
N THR A 317 -2.54 3.62 -28.09
CA THR A 317 -1.67 2.63 -28.69
C THR A 317 -2.10 1.22 -28.39
N SER A 318 -1.73 0.30 -29.26
CA SER A 318 -1.94 -1.12 -28.95
C SER A 318 -0.65 -1.81 -28.51
N ARG A 319 0.42 -1.03 -28.33
CA ARG A 319 1.70 -1.62 -27.92
C ARG A 319 1.53 -2.01 -26.43
N ALA A 320 1.92 -3.23 -26.09
CA ALA A 320 1.89 -3.75 -24.73
C ALA A 320 2.53 -2.82 -23.69
N VAL A 321 1.94 -2.85 -22.50
CA VAL A 321 2.44 -1.98 -21.40
C VAL A 321 3.61 -2.73 -20.75
N PRO A 322 4.73 -2.04 -20.47
CA PRO A 322 5.89 -2.69 -19.82
C PRO A 322 5.55 -3.23 -18.43
N LEU A 323 6.35 -4.14 -17.93
CA LEU A 323 6.08 -4.73 -16.59
C LEU A 323 6.58 -3.87 -15.42
N ALA A 324 7.37 -2.85 -15.73
CA ALA A 324 7.73 -1.76 -14.77
C ALA A 324 7.48 -0.33 -15.32
N GLY A 325 7.05 0.57 -14.44
CA GLY A 325 6.78 1.99 -14.76
C GLY A 325 5.74 2.65 -13.83
N PHE A 326 4.80 3.39 -14.41
CA PHE A 326 3.87 4.21 -13.62
C PHE A 326 3.21 3.49 -12.45
N GLY A 327 3.23 4.14 -11.28
CA GLY A 327 2.29 3.81 -10.23
C GLY A 327 2.83 3.24 -8.93
N TYR A 328 4.16 3.06 -8.85
CA TYR A 328 4.86 2.77 -7.58
C TYR A 328 4.47 1.40 -7.02
N GLY A 329 4.28 0.43 -7.93
CA GLY A 329 3.98 -0.95 -7.55
C GLY A 329 4.83 -1.53 -6.42
N LEU A 330 6.14 -1.32 -6.48
CA LEU A 330 7.01 -1.96 -5.54
C LEU A 330 7.09 -1.27 -4.18
N PRO A 331 7.32 0.08 -4.14
CA PRO A 331 7.19 0.69 -2.80
C PRO A 331 5.82 0.50 -2.12
N ILE A 332 4.75 0.57 -2.90
CA ILE A 332 3.45 0.44 -2.32
C ILE A 332 3.20 -1.01 -1.83
N SER A 333 3.69 -2.01 -2.57
CA SER A 333 3.66 -3.40 -2.07
C SER A 333 4.30 -3.51 -0.69
N ARG A 334 5.44 -2.84 -0.51
CA ARG A 334 6.13 -2.92 0.76
C ARG A 334 5.32 -2.24 1.88
N LEU A 335 4.66 -1.12 1.58
CA LEU A 335 3.75 -0.47 2.52
C LEU A 335 2.59 -1.38 2.92
N TYR A 336 2.00 -2.09 1.98
CA TYR A 336 1.00 -3.06 2.33
C TYR A 336 1.56 -4.09 3.32
N ALA A 337 2.77 -4.61 3.08
CA ALA A 337 3.37 -5.62 3.98
C ALA A 337 3.52 -5.02 5.38
N GLN A 338 4.11 -3.81 5.43
CA GLN A 338 4.44 -3.13 6.68
C GLN A 338 3.20 -2.60 7.40
N TYR A 339 2.11 -2.38 6.67
CA TYR A 339 0.84 -1.87 7.26
C TYR A 339 0.35 -2.72 8.43
N PHE A 340 0.52 -4.04 8.34
CA PHE A 340 0.04 -4.94 9.42
C PHE A 340 1.21 -5.56 10.17
N GLN A 341 2.31 -4.82 10.21
CA GLN A 341 3.52 -5.21 10.94
C GLN A 341 4.29 -6.30 10.24
N GLY A 342 4.06 -6.44 8.93
CA GLY A 342 4.88 -7.33 8.17
C GLY A 342 6.00 -6.58 7.49
N ASP A 343 6.53 -7.15 6.41
CA ASP A 343 7.62 -6.47 5.71
C ASP A 343 7.81 -7.07 4.34
N LEU A 344 8.54 -6.35 3.51
CA LEU A 344 8.87 -6.88 2.21
C LEU A 344 10.31 -6.49 1.92
N LYS A 345 11.17 -7.50 1.69
CA LYS A 345 12.62 -7.32 1.56
C LYS A 345 13.13 -7.89 0.26
N LEU A 346 14.12 -7.21 -0.31
CA LEU A 346 14.76 -7.73 -1.52
C LEU A 346 16.21 -7.97 -1.24
N TYR A 347 16.69 -9.08 -1.80
N TYR A 347 16.72 -9.09 -1.71
CA TYR A 347 18.08 -9.52 -1.70
CA TYR A 347 18.17 -9.26 -1.75
C TYR A 347 18.53 -9.93 -3.10
C TYR A 347 18.66 -9.95 -3.01
N SER A 348 19.49 -9.21 -3.70
CA SER A 348 19.91 -9.57 -5.03
C SER A 348 21.39 -9.94 -5.05
N LEU A 349 21.74 -10.92 -5.87
CA LEU A 349 23.11 -11.28 -6.14
C LEU A 349 23.41 -10.82 -7.57
N GLU A 350 24.12 -9.70 -7.69
CA GLU A 350 24.42 -9.16 -9.01
C GLU A 350 25.11 -10.17 -9.93
N GLY A 351 24.51 -10.34 -11.12
CA GLY A 351 25.00 -11.27 -12.15
C GLY A 351 24.28 -12.62 -12.10
N TYR A 352 23.43 -12.83 -11.10
CA TYR A 352 22.74 -14.12 -10.90
C TYR A 352 21.19 -13.99 -10.85
N GLY A 353 20.68 -13.38 -9.80
CA GLY A 353 19.25 -13.14 -9.67
C GLY A 353 18.91 -12.55 -8.33
N THR A 354 17.63 -12.64 -7.99
CA THR A 354 17.10 -11.88 -6.88
C THR A 354 16.04 -12.66 -6.11
N ASP A 355 16.06 -12.54 -4.78
CA ASP A 355 14.99 -13.04 -3.92
C ASP A 355 14.18 -11.90 -3.36
N ALA A 356 12.87 -12.06 -3.40
CA ALA A 356 12.00 -11.10 -2.80
C ALA A 356 11.23 -11.88 -1.69
N VAL A 357 11.12 -11.30 -0.51
CA VAL A 357 10.44 -11.99 0.59
C VAL A 357 9.38 -11.11 1.18
N ILE A 358 8.15 -11.64 1.23
CA ILE A 358 7.07 -11.00 1.96
C ILE A 358 7.08 -11.66 3.35
N TYR A 359 6.96 -10.86 4.38
CA TYR A 359 6.75 -11.37 5.74
C TYR A 359 5.39 -10.86 6.17
N ILE A 360 4.52 -11.78 6.58
CA ILE A 360 3.20 -11.47 7.15
C ILE A 360 3.09 -12.10 8.53
N LYS A 361 2.50 -11.38 9.49
CA LYS A 361 2.23 -11.99 10.82
C LYS A 361 1.23 -13.11 10.71
N ALA A 362 1.64 -14.30 11.16
CA ALA A 362 0.76 -15.44 11.27
C ALA A 362 -0.45 -15.19 12.19
N LEU A 363 -0.32 -14.35 13.21
CA LEU A 363 -1.42 -14.19 14.18
C LEU A 363 -2.12 -12.86 14.01
N SER A 364 -3.45 -12.88 13.99
CA SER A 364 -4.22 -11.66 13.85
C SER A 364 -3.99 -10.65 14.98
N THR A 365 -3.66 -11.13 16.19
CA THR A 365 -3.42 -10.22 17.28
C THR A 365 -2.09 -9.49 17.14
N ASP A 366 -1.14 -10.06 16.37
CA ASP A 366 0.09 -9.39 16.09
C ASP A 366 -0.02 -8.40 14.92
N SER A 367 -1.11 -8.48 14.15
CA SER A 367 -1.31 -7.66 12.94
C SER A 367 -1.95 -6.34 13.26
N ILE A 368 -1.13 -5.39 13.65
CA ILE A 368 -1.59 -4.09 14.13
C ILE A 368 -1.28 -3.04 13.07
N GLU A 369 -2.27 -2.24 12.68
CA GLU A 369 -1.96 -1.08 11.81
C GLU A 369 -0.71 -0.28 12.13
N ARG A 370 0.12 -0.04 11.11
CA ARG A 370 1.28 0.82 11.29
C ARG A 370 0.86 2.19 10.75
N LEU A 371 0.68 3.16 11.64
CA LEU A 371 0.08 4.48 11.22
C LEU A 371 1.06 5.64 11.42
N PRO A 372 1.21 6.50 10.40
CA PRO A 372 2.06 7.65 10.58
C PRO A 372 1.36 8.65 11.50
N VAL A 373 2.10 9.37 12.31
CA VAL A 373 1.55 10.41 13.16
C VAL A 373 2.28 11.75 12.94
N TYR A 374 1.47 12.80 12.86
CA TYR A 374 2.00 14.15 12.72
C TYR A 374 2.26 14.75 14.08
N ASN A 375 3.47 15.23 14.31
CA ASN A 375 3.78 15.86 15.56
C ASN A 375 5.12 16.53 15.33
N LYS A 376 5.76 16.93 16.44
CA LYS A 376 7.03 17.58 16.38
C LYS A 376 8.10 16.78 15.66
N ALA A 377 8.17 15.46 15.90
CA ALA A 377 9.15 14.61 15.28
C ALA A 377 8.96 14.55 13.74
N ALA A 378 7.71 14.48 13.27
CA ALA A 378 7.37 14.48 11.84
C ALA A 378 7.76 15.80 11.21
N TRP A 379 7.38 16.89 11.86
CA TRP A 379 7.75 18.22 11.38
C TRP A 379 9.29 18.42 11.30
N LYS A 380 10.02 18.00 12.34
CA LYS A 380 11.46 18.11 12.31
C LYS A 380 12.05 17.42 11.11
N HIS A 381 11.48 16.26 10.79
CA HIS A 381 11.99 15.47 9.69
C HIS A 381 11.93 16.21 8.33
N TYR A 382 10.93 17.09 8.14
CA TYR A 382 10.88 17.95 6.92
C TYR A 382 11.85 19.13 6.96
N ASN A 383 12.27 19.54 8.16
CA ASN A 383 13.07 20.79 8.37
C ASN A 383 14.42 20.51 8.98
N THR A 384 14.88 19.28 8.82
CA THR A 384 16.14 18.83 9.39
C THR A 384 17.01 18.30 8.26
N ASN A 385 18.33 18.40 8.46
CA ASN A 385 19.36 18.07 7.45
C ASN A 385 19.58 19.16 6.39
N ASP A 389 27.87 14.20 11.00
CA ASP A 389 27.64 12.77 10.85
C ASP A 389 28.80 11.96 11.46
N ASP A 390 28.42 10.88 12.14
CA ASP A 390 29.30 10.15 13.06
C ASP A 390 30.09 9.07 12.38
N TRP A 391 30.04 9.04 11.06
CA TRP A 391 30.83 8.13 10.28
C TRP A 391 31.53 8.87 9.16
N CYS A 392 32.73 8.40 8.80
CA CYS A 392 33.45 8.93 7.65
C CYS A 392 32.69 8.59 6.38
N VAL A 393 32.41 9.69 5.66
CA VAL A 393 31.76 9.80 4.34
C VAL A 393 32.63 9.20 3.24
N PRO A 394 32.12 8.13 2.57
CA PRO A 394 32.85 7.36 1.53
C PRO A 394 32.68 7.85 0.09
#